data_6QQM
#
_entry.id   6QQM
#
_cell.length_a   103.040
_cell.length_b   103.040
_cell.length_c   132.560
_cell.angle_alpha   90.000
_cell.angle_beta   90.000
_cell.angle_gamma   120.000
#
_symmetry.space_group_name_H-M   'P 32 2 1'
#
loop_
_entity.id
_entity.type
_entity.pdbx_description
1 polymer 'Putative carbonic anhydrase'
2 non-polymer 'ZINC ION'
3 non-polymer GLYCEROL
4 non-polymer 2-acetamido-2-deoxy-beta-D-glucopyranose
5 water water
#
_entity_poly.entity_id   1
_entity_poly.type   'polypeptide(L)'
_entity_poly.pdbx_seq_one_letter_code
;MTYQWLIGIQISLLFVNCICNGSEWSYTNILTGPETWHEHYKNMCSGYYQSPIDLKTDISTLDLKLKTVIIYRNTSSTET
TTIQNNGHSAEVKFPRNTWFISFDGILDYKYEIIQMHFHWGNTDDRGSEHTIDGFRFPLEGHIVSFRRQMYSSPSEAIGR
PGGLAVLGIMHQIVESIKYEQTAFKAYNNFSGVLNSQFVPPNNSTIDDINLALLLSLLNPSRYFRYLGSLTTPPCTENVL
WTVFIDPVLITREQINLFRNLPYGSNEKQTRMGDNFRPIQLLNPIDTLASRTLYRATARG
;
_entity_poly.pdbx_strand_id   A,B
#
# COMPACT_ATOMS: atom_id res chain seq x y z
N GLU A 24 -15.32 14.60 33.03
CA GLU A 24 -15.44 13.17 32.62
C GLU A 24 -15.98 12.98 31.17
N TRP A 25 -15.30 12.13 30.38
CA TRP A 25 -15.84 11.78 29.07
C TRP A 25 -15.60 10.28 28.85
N SER A 26 -16.36 9.75 27.90
CA SER A 26 -16.19 8.35 27.51
C SER A 26 -16.63 8.18 26.08
N TYR A 27 -16.48 6.95 25.57
CA TYR A 27 -17.10 6.58 24.32
C TYR A 27 -18.45 5.88 24.50
N THR A 28 -18.54 5.05 25.55
CA THR A 28 -19.68 4.10 25.61
C THR A 28 -20.68 4.41 26.69
N ASN A 29 -20.35 5.33 27.60
CA ASN A 29 -21.39 5.76 28.60
C ASN A 29 -22.21 6.89 28.03
N ILE A 30 -23.51 6.66 27.82
CA ILE A 30 -24.36 7.59 27.06
C ILE A 30 -24.39 8.97 27.76
N LEU A 31 -24.13 8.96 29.00
CA LEU A 31 -24.16 10.20 29.79
C LEU A 31 -22.95 11.11 29.52
N THR A 32 -21.85 10.54 29.13
CA THR A 32 -20.58 11.30 29.04
C THR A 32 -19.95 11.03 27.65
N GLY A 33 -20.73 10.35 26.82
CA GLY A 33 -20.37 9.89 25.46
C GLY A 33 -20.22 11.03 24.45
N PRO A 34 -19.85 10.67 23.21
CA PRO A 34 -19.46 11.70 22.25
C PRO A 34 -20.58 12.67 21.90
N GLU A 35 -21.88 12.25 21.95
CA GLU A 35 -22.99 13.16 21.70
C GLU A 35 -23.07 14.29 22.76
N THR A 36 -22.41 14.10 23.89
CA THR A 36 -22.48 15.07 24.97
C THR A 36 -21.29 16.01 24.94
N TRP A 37 -20.27 15.70 24.11
CA TRP A 37 -19.02 16.50 24.25
C TRP A 37 -19.21 17.98 23.90
N HIS A 38 -20.12 18.28 22.96
CA HIS A 38 -20.32 19.67 22.53
C HIS A 38 -20.86 20.50 23.70
N GLU A 39 -21.43 19.85 24.73
CA GLU A 39 -21.96 20.55 25.90
C GLU A 39 -20.97 20.49 27.05
N HIS A 40 -20.37 19.33 27.31
CA HIS A 40 -19.45 19.29 28.42
C HIS A 40 -18.12 19.99 28.16
N TYR A 41 -17.74 20.09 26.88
CA TYR A 41 -16.46 20.72 26.46
C TYR A 41 -16.74 21.63 25.29
N LYS A 42 -17.61 22.61 25.54
CA LYS A 42 -17.98 23.59 24.52
C LYS A 42 -16.71 24.12 23.81
N ASN A 43 -15.71 24.46 24.60
CA ASN A 43 -14.41 24.78 24.01
CA ASN A 43 -14.43 24.80 24.12
C ASN A 43 -13.56 23.51 24.01
N MET A 44 -13.42 22.87 22.85
CA MET A 44 -13.79 23.37 21.54
CA MET A 44 -13.84 23.36 21.57
C MET A 44 -14.64 22.30 20.81
N CYS A 45 -15.20 21.34 21.56
CA CYS A 45 -15.99 20.30 20.89
C CYS A 45 -17.26 20.81 20.24
N SER A 46 -17.65 22.09 20.51
CA SER A 46 -18.80 22.69 19.79
C SER A 46 -18.41 23.43 18.55
N GLY A 47 -17.13 23.37 18.14
CA GLY A 47 -16.68 24.18 16.99
C GLY A 47 -17.09 23.68 15.63
N TYR A 48 -16.73 24.42 14.60
CA TYR A 48 -17.17 23.97 13.29
C TYR A 48 -15.96 23.54 12.43
N TYR A 49 -14.80 23.30 13.05
CA TYR A 49 -13.68 22.66 12.30
C TYR A 49 -13.32 21.37 13.03
N GLN A 50 -14.31 20.52 13.25
CA GLN A 50 -14.06 19.31 14.02
C GLN A 50 -13.59 18.11 13.14
N SER A 51 -13.05 17.09 13.81
CA SER A 51 -12.60 15.87 13.15
C SER A 51 -13.18 14.71 14.00
N PRO A 52 -13.32 13.51 13.44
CA PRO A 52 -13.01 13.13 12.06
C PRO A 52 -14.10 13.59 11.05
N ILE A 53 -13.84 13.49 9.77
CA ILE A 53 -14.84 13.78 8.74
C ILE A 53 -14.85 12.60 7.77
N ASP A 54 -15.84 12.57 6.91
CA ASP A 54 -15.77 11.65 5.74
C ASP A 54 -14.89 12.23 4.71
N LEU A 55 -13.87 11.46 4.30
CA LEU A 55 -12.92 11.93 3.32
C LEU A 55 -13.48 11.53 1.98
N LYS A 56 -14.00 12.52 1.27
CA LYS A 56 -14.76 12.25 0.02
C LYS A 56 -13.92 12.59 -1.13
N THR A 57 -13.58 11.57 -1.90
CA THR A 57 -12.58 11.75 -2.96
C THR A 57 -13.14 12.72 -4.01
N ASP A 58 -14.41 12.53 -4.33
CA ASP A 58 -14.99 13.36 -5.40
C ASP A 58 -15.16 14.82 -4.94
N ILE A 59 -15.43 15.07 -3.67
CA ILE A 59 -15.62 16.48 -3.27
C ILE A 59 -14.25 17.23 -3.12
N SER A 60 -13.18 16.51 -2.87
CA SER A 60 -11.90 17.11 -2.50
C SER A 60 -11.17 17.79 -3.63
N THR A 61 -10.25 18.66 -3.26
CA THR A 61 -9.48 19.38 -4.25
CA THR A 61 -9.49 19.41 -4.24
C THR A 61 -8.08 18.85 -4.33
N LEU A 62 -7.71 18.34 -5.51
CA LEU A 62 -6.34 17.86 -5.71
C LEU A 62 -5.38 19.00 -5.65
N ASP A 63 -4.37 18.93 -4.80
CA ASP A 63 -3.39 20.00 -4.68
C ASP A 63 -2.02 19.40 -4.96
N LEU A 64 -1.51 19.61 -6.17
CA LEU A 64 -0.22 18.97 -6.54
C LEU A 64 0.98 19.51 -5.83
N LYS A 65 0.85 20.65 -5.10
CA LYS A 65 1.92 21.13 -4.31
C LYS A 65 2.17 20.37 -3.01
N LEU A 66 1.24 19.49 -2.61
CA LEU A 66 1.40 18.75 -1.34
C LEU A 66 2.33 17.54 -1.57
N LYS A 67 3.47 17.56 -0.92
CA LYS A 67 4.58 16.64 -1.25
C LYS A 67 4.45 15.32 -0.46
N THR A 68 5.35 14.39 -0.81
CA THR A 68 5.40 13.09 -0.10
CA THR A 68 5.45 13.10 -0.11
C THR A 68 5.79 13.32 1.37
N VAL A 69 5.13 12.60 2.29
CA VAL A 69 5.48 12.71 3.68
C VAL A 69 6.71 11.76 4.01
N ILE A 70 7.59 12.27 4.84
CA ILE A 70 8.78 11.54 5.34
C ILE A 70 8.73 11.47 6.82
N ILE A 71 8.97 10.25 7.36
CA ILE A 71 9.13 10.16 8.77
C ILE A 71 10.58 9.71 9.02
N TYR A 72 11.23 10.33 9.94
CA TYR A 72 12.71 10.10 10.14
C TYR A 72 13.10 10.19 11.55
N ARG A 73 14.23 9.51 11.89
CA ARG A 73 14.62 9.37 13.27
C ARG A 73 15.95 10.08 13.56
N ASN A 74 16.09 10.57 14.77
CA ASN A 74 17.36 11.09 15.22
C ASN A 74 18.12 9.85 15.65
N THR A 75 19.08 9.44 14.85
CA THR A 75 19.75 8.18 15.16
C THR A 75 20.67 8.24 16.40
N SER A 76 20.84 9.40 17.03
CA SER A 76 21.62 9.42 18.26
C SER A 76 20.78 9.46 19.53
N SER A 77 19.45 9.44 19.35
CA SER A 77 18.58 9.36 20.49
C SER A 77 18.63 7.97 21.08
N THR A 78 18.72 7.86 22.39
CA THR A 78 18.71 6.55 23.05
C THR A 78 17.59 6.22 24.02
N GLU A 79 16.78 7.20 24.37
CA GLU A 79 15.76 6.97 25.37
C GLU A 79 14.75 5.92 24.96
N THR A 80 14.10 5.37 25.96
CA THR A 80 13.16 4.29 25.85
C THR A 80 11.77 4.81 25.30
N THR A 81 11.05 3.97 24.61
CA THR A 81 9.66 4.20 24.25
C THR A 81 8.74 3.43 25.21
N THR A 82 7.60 3.98 25.55
CA THR A 82 6.66 3.28 26.42
C THR A 82 5.29 3.24 25.81
N ILE A 83 4.41 2.43 26.39
CA ILE A 83 3.05 2.36 25.92
C ILE A 83 2.20 2.35 27.16
N GLN A 84 1.01 2.93 27.08
CA GLN A 84 0.13 2.97 28.24
C GLN A 84 -1.29 2.61 27.83
N ASN A 85 -2.05 1.96 28.68
CA ASN A 85 -3.47 1.84 28.48
C ASN A 85 -4.04 3.01 29.27
N ASN A 86 -4.45 4.04 28.58
CA ASN A 86 -4.87 5.27 29.30
C ASN A 86 -6.35 5.23 29.56
N GLY A 87 -7.01 4.06 29.40
CA GLY A 87 -8.44 3.99 29.64
C GLY A 87 -9.32 4.21 28.43
N HIS A 88 -8.75 4.83 27.41
CA HIS A 88 -9.53 4.99 26.18
C HIS A 88 -8.80 4.54 24.90
N SER A 89 -7.49 4.33 24.95
CA SER A 89 -6.74 3.80 23.80
C SER A 89 -5.50 3.12 24.34
N ALA A 90 -4.71 2.51 23.44
CA ALA A 90 -3.35 2.16 23.73
C ALA A 90 -2.48 3.26 23.11
N GLU A 91 -1.66 3.90 23.93
CA GLU A 91 -0.94 5.11 23.49
C GLU A 91 0.53 4.88 23.70
N VAL A 92 1.27 4.90 22.59
CA VAL A 92 2.74 4.75 22.58
C VAL A 92 3.27 6.15 22.80
N LYS A 93 4.12 6.33 23.79
CA LYS A 93 4.73 7.66 24.06
C LYS A 93 6.16 7.62 23.66
N PHE A 94 6.55 8.49 22.73
CA PHE A 94 7.90 8.50 22.22
C PHE A 94 8.73 9.46 23.03
N PRO A 95 10.02 9.18 23.14
CA PRO A 95 10.87 10.16 23.83
C PRO A 95 10.99 11.45 22.97
N ARG A 96 11.27 12.54 23.64
CA ARG A 96 11.53 13.80 22.96
C ARG A 96 12.67 13.68 21.97
N ASN A 97 12.67 14.54 20.94
CA ASN A 97 13.81 14.68 20.01
C ASN A 97 14.21 13.44 19.26
N THR A 98 13.25 12.55 19.00
CA THR A 98 13.58 11.29 18.43
C THR A 98 13.00 11.03 17.05
N TRP A 99 11.67 11.18 16.91
CA TRP A 99 11.06 10.90 15.61
C TRP A 99 10.40 12.22 15.11
N PHE A 100 10.48 12.43 13.79
CA PHE A 100 10.08 13.71 13.15
C PHE A 100 9.32 13.41 11.92
N ILE A 101 8.58 14.45 11.40
CA ILE A 101 7.92 14.34 10.16
C ILE A 101 8.43 15.52 9.35
N SER A 102 8.64 15.24 8.09
CA SER A 102 8.87 16.35 7.15
C SER A 102 7.79 16.32 6.10
N PHE A 103 7.23 17.50 5.79
CA PHE A 103 6.30 17.61 4.67
C PHE A 103 6.92 18.34 3.48
N ASP A 104 8.19 18.71 3.60
CA ASP A 104 8.80 19.54 2.51
C ASP A 104 10.08 18.97 1.96
N GLY A 105 10.41 17.75 2.38
CA GLY A 105 11.59 17.06 1.93
C GLY A 105 12.88 17.44 2.65
N ILE A 106 12.86 18.46 3.48
CA ILE A 106 14.00 18.84 4.25
C ILE A 106 13.94 18.22 5.60
N LEU A 107 15.05 17.68 6.06
CA LEU A 107 15.06 17.03 7.35
C LEU A 107 15.52 17.92 8.48
N ASP A 108 14.80 18.98 8.77
CA ASP A 108 15.24 20.00 9.73
C ASP A 108 14.34 20.18 10.92
N TYR A 109 13.60 19.11 11.25
CA TYR A 109 12.94 18.96 12.55
C TYR A 109 11.77 19.92 12.69
N LYS A 110 11.06 20.18 11.59
CA LYS A 110 9.93 21.12 11.76
C LYS A 110 8.76 20.51 12.58
N TYR A 111 8.54 19.20 12.45
CA TYR A 111 7.47 18.55 13.21
C TYR A 111 8.09 17.43 13.97
N GLU A 112 7.81 17.41 15.27
CA GLU A 112 8.41 16.38 16.16
C GLU A 112 7.26 15.50 16.73
N ILE A 113 7.42 14.19 16.54
CA ILE A 113 6.38 13.21 16.94
C ILE A 113 6.41 13.04 18.47
N ILE A 114 5.22 13.00 19.08
CA ILE A 114 5.02 12.91 20.49
C ILE A 114 4.54 11.50 20.86
N GLN A 115 3.52 11.02 20.16
CA GLN A 115 2.85 9.76 20.59
C GLN A 115 2.10 9.15 19.43
N MET A 116 1.71 7.88 19.54
CA MET A 116 0.89 7.27 18.51
C MET A 116 -0.18 6.51 19.27
N HIS A 117 -1.45 6.67 18.91
CA HIS A 117 -2.48 5.83 19.57
C HIS A 117 -3.43 5.32 18.55
N PHE A 118 -4.46 4.57 19.01
CA PHE A 118 -5.24 3.83 18.08
C PHE A 118 -6.75 3.87 18.36
N HIS A 119 -7.51 3.64 17.30
CA HIS A 119 -9.01 3.63 17.38
C HIS A 119 -9.43 2.37 16.64
N TRP A 120 -10.30 1.57 17.28
CA TRP A 120 -10.71 0.36 16.64
C TRP A 120 -12.15 -0.07 17.06
N GLY A 121 -12.64 -1.15 16.44
CA GLY A 121 -14.09 -1.47 16.59
C GLY A 121 -14.29 -2.77 17.38
N ASN A 122 -15.52 -2.96 17.87
CA ASN A 122 -15.84 -4.30 18.47
C ASN A 122 -15.89 -5.38 17.38
N THR A 123 -16.14 -4.99 16.15
CA THR A 123 -16.21 -5.88 15.00
C THR A 123 -15.32 -5.38 13.87
N ASP A 124 -14.99 -6.25 12.91
CA ASP A 124 -13.97 -5.89 11.93
C ASP A 124 -14.47 -4.86 10.92
N ASP A 125 -15.76 -4.62 10.85
CA ASP A 125 -16.19 -3.67 9.83
C ASP A 125 -16.39 -2.24 10.36
N ARG A 126 -15.87 -1.96 11.53
CA ARG A 126 -15.82 -0.54 11.99
C ARG A 126 -14.61 -0.36 12.87
N GLY A 127 -14.30 0.90 13.22
CA GLY A 127 -13.26 1.16 14.19
C GLY A 127 -12.54 2.47 13.87
N SER A 128 -12.43 2.78 12.56
CA SER A 128 -11.67 4.02 12.18
C SER A 128 -12.51 5.22 12.59
N GLU A 129 -11.85 6.36 12.74
CA GLU A 129 -12.59 7.60 13.00
C GLU A 129 -12.91 8.24 11.67
N HIS A 130 -11.89 8.55 10.82
CA HIS A 130 -12.22 8.93 9.47
C HIS A 130 -12.84 7.77 8.69
N THR A 131 -13.61 8.13 7.69
CA THR A 131 -14.05 7.28 6.63
C THR A 131 -13.51 7.77 5.33
N ILE A 132 -13.37 6.86 4.39
CA ILE A 132 -12.98 7.24 3.03
C ILE A 132 -14.15 6.84 2.13
N ASP A 133 -14.78 7.85 1.58
CA ASP A 133 -15.98 7.67 0.77
C ASP A 133 -16.97 6.81 1.50
N GLY A 134 -17.17 7.10 2.79
CA GLY A 134 -18.17 6.38 3.59
C GLY A 134 -17.72 5.07 4.23
N PHE A 135 -16.51 4.64 3.89
CA PHE A 135 -16.00 3.30 4.29
C PHE A 135 -15.20 3.38 5.56
N ARG A 136 -15.59 2.54 6.54
CA ARG A 136 -14.83 2.42 7.82
C ARG A 136 -13.81 1.28 7.78
N PHE A 137 -12.62 1.57 8.26
CA PHE A 137 -11.58 0.53 8.45
C PHE A 137 -11.61 -0.06 9.85
N PRO A 138 -10.97 -1.20 10.07
CA PRO A 138 -11.02 -1.78 11.42
C PRO A 138 -10.16 -1.08 12.46
N LEU A 139 -9.13 -0.33 12.03
CA LEU A 139 -8.23 0.22 12.97
C LEU A 139 -7.58 1.46 12.33
N GLU A 140 -7.60 2.56 13.07
CA GLU A 140 -6.97 3.82 12.55
C GLU A 140 -5.95 4.23 13.59
N GLY A 141 -4.68 4.40 13.14
CA GLY A 141 -3.66 4.87 14.03
C GLY A 141 -3.42 6.38 13.83
N HIS A 142 -3.08 7.06 14.91
CA HIS A 142 -2.86 8.52 14.90
C HIS A 142 -1.47 8.77 15.38
N ILE A 143 -0.62 9.30 14.49
CA ILE A 143 0.72 9.67 14.92
C ILE A 143 0.68 11.19 15.21
N VAL A 144 0.85 11.58 16.45
CA VAL A 144 0.62 12.98 16.82
C VAL A 144 1.98 13.68 16.92
N SER A 145 2.08 14.84 16.26
CA SER A 145 3.36 15.59 16.34
C SER A 145 3.05 17.07 16.63
N PHE A 146 4.06 17.82 17.08
CA PHE A 146 3.89 19.28 17.27
C PHE A 146 4.80 20.05 16.30
N ARG A 147 4.38 21.28 15.98
CA ARG A 147 5.10 22.09 15.00
C ARG A 147 6.28 22.74 15.76
N ARG A 148 7.36 21.97 15.92
CA ARG A 148 8.57 22.43 16.61
C ARG A 148 9.18 23.63 15.91
N GLN A 149 8.91 23.77 14.62
CA GLN A 149 9.29 24.98 13.88
C GLN A 149 8.88 26.26 14.60
N MET A 150 7.71 26.24 15.21
CA MET A 150 7.17 27.36 15.94
C MET A 150 7.21 27.24 17.46
N TYR A 151 7.00 26.05 17.99
CA TYR A 151 6.80 25.87 19.42
C TYR A 151 7.89 25.00 20.00
N SER A 152 8.35 25.36 21.18
CA SER A 152 9.51 24.65 21.79
C SER A 152 9.19 23.31 22.37
N SER A 153 7.95 23.06 22.78
CA SER A 153 7.67 21.77 23.44
C SER A 153 6.29 21.31 23.16
N PRO A 154 6.04 20.00 23.33
CA PRO A 154 4.69 19.53 23.16
C PRO A 154 3.72 20.31 24.04
N SER A 155 4.08 20.61 25.32
CA SER A 155 3.04 21.23 26.15
C SER A 155 2.75 22.67 25.76
N GLU A 156 3.71 23.40 25.20
CA GLU A 156 3.38 24.72 24.64
C GLU A 156 2.49 24.56 23.39
N ALA A 157 2.76 23.56 22.57
CA ALA A 157 2.03 23.49 21.29
C ALA A 157 0.58 22.96 21.42
N ILE A 158 0.35 22.05 22.37
CA ILE A 158 -0.88 21.24 22.36
C ILE A 158 -2.15 22.07 22.48
N GLY A 159 -2.04 23.21 23.16
CA GLY A 159 -3.26 24.09 23.25
C GLY A 159 -3.18 25.41 22.48
N ARG A 160 -2.21 25.55 21.57
CA ARG A 160 -1.98 26.85 20.88
C ARG A 160 -2.34 26.73 19.41
N PRO A 161 -2.58 27.88 18.75
CA PRO A 161 -2.97 27.85 17.34
C PRO A 161 -1.94 27.15 16.43
N GLY A 162 -2.43 26.28 15.56
CA GLY A 162 -1.56 25.61 14.60
C GLY A 162 -0.48 24.76 15.27
N GLY A 163 -0.70 24.36 16.52
CA GLY A 163 0.38 23.63 17.22
C GLY A 163 0.64 22.21 16.74
N LEU A 164 -0.36 21.52 16.15
CA LEU A 164 -0.23 20.07 15.98
C LEU A 164 -0.40 19.61 14.57
N ALA A 165 0.17 18.45 14.24
CA ALA A 165 -0.11 17.83 12.97
C ALA A 165 -0.21 16.33 13.28
N VAL A 166 -1.27 15.73 12.79
CA VAL A 166 -1.55 14.27 13.08
C VAL A 166 -1.54 13.52 11.75
N LEU A 167 -0.90 12.33 11.73
CA LEU A 167 -1.01 11.46 10.59
C LEU A 167 -1.99 10.37 10.94
N GLY A 168 -2.91 10.12 10.03
CA GLY A 168 -3.87 8.99 10.18
C GLY A 168 -3.45 7.84 9.27
N ILE A 169 -3.32 6.64 9.86
CA ILE A 169 -2.93 5.42 9.13
C ILE A 169 -4.03 4.39 9.31
N MET A 170 -4.66 4.07 8.19
CA MET A 170 -5.76 3.05 8.08
C MET A 170 -5.11 1.70 8.04
N HIS A 171 -5.75 0.71 8.65
CA HIS A 171 -5.22 -0.67 8.62
C HIS A 171 -6.36 -1.46 8.06
N GLN A 172 -6.07 -2.50 7.24
CA GLN A 172 -7.11 -3.42 6.79
C GLN A 172 -6.67 -4.88 7.04
N ILE A 173 -7.63 -5.75 7.33
CA ILE A 173 -7.36 -7.15 7.67
C ILE A 173 -7.26 -8.00 6.41
N VAL A 174 -6.21 -8.83 6.39
CA VAL A 174 -5.98 -9.81 5.31
C VAL A 174 -5.87 -11.21 5.96
N GLU A 175 -6.32 -12.23 5.25
CA GLU A 175 -6.27 -13.63 5.78
C GLU A 175 -4.92 -14.25 5.52
N SER A 176 -4.28 -13.91 4.41
CA SER A 176 -2.99 -14.53 4.08
C SER A 176 -1.84 -13.53 4.01
N ILE A 177 -0.91 -13.60 4.97
CA ILE A 177 0.18 -12.64 5.01
C ILE A 177 1.25 -13.11 6.00
N LYS A 178 2.52 -12.92 5.66
CA LYS A 178 3.60 -13.10 6.64
C LYS A 178 3.65 -11.96 7.63
N TYR A 179 3.88 -12.31 8.90
CA TYR A 179 4.11 -11.33 9.97
C TYR A 179 4.96 -10.14 9.48
N GLU A 180 6.08 -10.42 8.76
CA GLU A 180 7.03 -9.39 8.45
C GLU A 180 6.41 -8.33 7.48
N GLN A 181 5.33 -8.70 6.82
CA GLN A 181 4.61 -7.89 5.80
CA GLN A 181 4.77 -7.65 5.94
C GLN A 181 3.49 -7.02 6.49
N THR A 182 3.22 -7.33 7.77
CA THR A 182 2.10 -6.64 8.50
C THR A 182 2.63 -5.43 9.23
N ALA A 183 1.73 -4.50 9.58
CA ALA A 183 2.11 -3.34 10.36
C ALA A 183 2.76 -3.75 11.69
N PHE A 184 2.43 -4.96 12.21
CA PHE A 184 2.97 -5.36 13.52
C PHE A 184 4.49 -5.58 13.55
N LYS A 185 5.04 -5.85 12.37
CA LYS A 185 6.51 -5.83 12.23
C LYS A 185 7.05 -4.43 12.58
N ALA A 186 6.47 -3.37 12.02
CA ALA A 186 6.96 -2.03 12.42
C ALA A 186 6.71 -1.77 13.87
N TYR A 187 5.60 -2.26 14.40
CA TYR A 187 5.26 -2.03 15.78
C TYR A 187 6.04 -2.99 16.71
N ASN A 188 6.73 -3.96 16.12
CA ASN A 188 7.45 -4.99 16.95
C ASN A 188 6.48 -5.62 17.96
N ASN A 189 5.25 -5.88 17.49
CA ASN A 189 4.13 -6.44 18.27
C ASN A 189 3.81 -5.68 19.54
N PHE A 190 4.21 -4.43 19.63
CA PHE A 190 4.10 -3.64 20.86
C PHE A 190 4.69 -4.46 22.05
N SER A 191 5.69 -5.29 21.78
CA SER A 191 6.42 -6.10 22.80
C SER A 191 5.46 -6.97 23.60
N GLY A 192 4.36 -7.37 22.96
CA GLY A 192 3.40 -8.31 23.57
C GLY A 192 2.49 -7.71 24.63
N VAL A 193 2.43 -6.38 24.74
CA VAL A 193 1.72 -5.73 25.84
C VAL A 193 0.20 -5.73 25.62
N LEU A 194 -0.27 -6.01 24.39
CA LEU A 194 -1.71 -5.97 24.10
C LEU A 194 -2.34 -7.28 24.59
N ASN A 195 -2.82 -7.29 25.82
CA ASN A 195 -3.44 -8.53 26.33
C ASN A 195 -4.40 -8.14 27.48
N SER A 196 -5.21 -9.08 28.02
CA SER A 196 -6.22 -8.73 28.96
C SER A 196 -5.67 -8.18 30.25
N GLN A 197 -4.39 -8.42 30.53
CA GLN A 197 -3.87 -7.94 31.81
C GLN A 197 -3.26 -6.55 31.71
N PHE A 198 -3.35 -5.94 30.53
CA PHE A 198 -2.73 -4.58 30.41
C PHE A 198 -3.79 -3.56 30.83
N VAL A 199 -3.95 -3.39 32.15
CA VAL A 199 -5.06 -2.62 32.70
C VAL A 199 -4.65 -1.13 32.84
N PRO A 200 -5.62 -0.23 32.75
CA PRO A 200 -5.27 1.19 32.93
C PRO A 200 -4.91 1.39 34.38
N PRO A 201 -3.93 2.24 34.72
CA PRO A 201 -3.28 3.15 33.76
C PRO A 201 -1.86 2.68 33.62
N ASN A 202 -1.70 1.35 33.55
CA ASN A 202 -0.36 0.76 33.43
C ASN A 202 0.35 1.26 32.18
N ASN A 203 1.63 1.46 32.33
CA ASN A 203 2.48 1.74 31.20
C ASN A 203 3.65 0.84 31.31
N SER A 204 4.23 0.46 30.17
CA SER A 204 5.31 -0.46 30.12
C SER A 204 6.31 0.04 29.08
N THR A 205 7.60 -0.23 29.28
CA THR A 205 8.62 0.00 28.27
C THR A 205 8.46 -0.98 27.14
N ILE A 206 8.63 -0.53 25.88
CA ILE A 206 8.48 -1.44 24.75
C ILE A 206 9.63 -1.15 23.80
N ASP A 207 9.84 -2.05 22.86
CA ASP A 207 10.86 -1.86 21.82
C ASP A 207 10.37 -0.65 21.00
N ASP A 208 11.28 0.14 20.47
CA ASP A 208 10.85 1.31 19.65
C ASP A 208 10.02 0.85 18.44
N ILE A 209 9.15 1.75 17.97
CA ILE A 209 8.30 1.49 16.84
C ILE A 209 9.07 2.01 15.63
N ASN A 210 9.23 1.22 14.58
CA ASN A 210 9.94 1.69 13.45
C ASN A 210 8.89 2.41 12.54
N LEU A 211 8.70 3.67 12.83
CA LEU A 211 7.72 4.45 12.10
C LEU A 211 8.07 4.65 10.63
N ALA A 212 9.38 4.69 10.26
CA ALA A 212 9.74 4.73 8.84
C ALA A 212 9.28 3.51 8.08
N LEU A 213 9.52 2.35 8.70
CA LEU A 213 9.01 1.15 8.10
C LEU A 213 7.48 1.17 7.96
N LEU A 214 6.81 1.63 8.99
CA LEU A 214 5.33 1.66 8.95
C LEU A 214 4.87 2.50 7.75
N LEU A 215 5.48 3.68 7.57
CA LEU A 215 5.08 4.53 6.49
C LEU A 215 5.38 3.91 5.13
N SER A 216 6.46 3.10 5.05
CA SER A 216 6.77 2.47 3.76
C SER A 216 5.79 1.39 3.35
N LEU A 217 4.89 0.95 4.29
CA LEU A 217 3.90 -0.07 3.97
C LEU A 217 2.70 0.49 3.18
N LEU A 218 2.65 1.80 3.05
CA LEU A 218 1.62 2.41 2.24
C LEU A 218 2.25 3.42 1.27
N ASN A 219 1.40 4.09 0.47
CA ASN A 219 1.93 5.16 -0.42
C ASN A 219 2.01 6.53 0.33
N PRO A 220 3.21 7.02 0.70
CA PRO A 220 3.28 8.22 1.51
C PRO A 220 3.02 9.54 0.67
N SER A 221 2.70 9.42 -0.60
CA SER A 221 2.35 10.59 -1.38
C SER A 221 0.82 10.70 -1.54
N ARG A 222 0.02 9.72 -1.09
CA ARG A 222 -1.35 9.64 -1.49
C ARG A 222 -2.22 9.83 -0.25
N TYR A 223 -2.76 11.04 -0.05
CA TYR A 223 -3.35 11.28 1.25
C TYR A 223 -4.39 12.39 1.12
N PHE A 224 -5.29 12.45 2.08
CA PHE A 224 -6.17 13.63 2.25
C PHE A 224 -5.51 14.56 3.26
N ARG A 225 -5.78 15.86 3.12
CA ARG A 225 -5.21 16.87 3.93
C ARG A 225 -6.28 17.94 4.24
N TYR A 226 -6.44 18.26 5.52
CA TYR A 226 -7.39 19.35 5.90
C TYR A 226 -7.07 19.87 7.28
N LEU A 227 -7.65 21.03 7.62
CA LEU A 227 -7.45 21.57 8.94
C LEU A 227 -8.62 21.16 9.86
N GLY A 228 -8.34 20.53 10.98
CA GLY A 228 -9.41 20.07 11.88
C GLY A 228 -8.89 20.03 13.32
N SER A 229 -9.36 19.01 14.05
CA SER A 229 -9.29 19.10 15.51
C SER A 229 -8.76 17.82 16.11
N LEU A 230 -8.46 17.87 17.39
CA LEU A 230 -8.31 16.62 18.13
C LEU A 230 -9.67 15.92 18.12
N THR A 231 -9.65 14.60 18.24
CA THR A 231 -10.93 13.84 18.20
C THR A 231 -11.34 13.34 19.56
N THR A 232 -10.68 13.82 20.60
CA THR A 232 -11.16 13.60 21.96
C THR A 232 -11.21 14.96 22.66
N PRO A 233 -12.03 15.08 23.71
CA PRO A 233 -12.13 16.36 24.42
C PRO A 233 -10.72 16.79 24.84
N PRO A 234 -10.36 18.09 24.71
CA PRO A 234 -11.28 19.18 24.42
C PRO A 234 -11.36 19.52 22.92
N CYS A 235 -11.00 18.58 22.03
CA CYS A 235 -11.35 18.75 20.58
C CYS A 235 -10.72 20.04 19.98
N THR A 236 -9.52 20.36 20.42
CA THR A 236 -8.91 21.66 20.06
C THR A 236 -8.79 21.76 18.56
N GLU A 237 -9.15 22.90 17.96
CA GLU A 237 -9.01 23.06 16.52
C GLU A 237 -7.67 23.63 16.10
N ASN A 238 -6.64 22.77 16.24
CA ASN A 238 -5.34 23.24 15.93
C ASN A 238 -4.56 22.07 15.32
N VAL A 239 -5.26 21.21 14.60
CA VAL A 239 -4.61 19.99 14.04
C VAL A 239 -4.57 20.07 12.53
N LEU A 240 -3.36 20.00 11.96
CA LEU A 240 -3.20 19.83 10.54
C LEU A 240 -3.30 18.32 10.30
N TRP A 241 -4.34 17.87 9.60
CA TRP A 241 -4.59 16.43 9.39
C TRP A 241 -3.98 15.96 8.10
N THR A 242 -3.40 14.74 8.14
CA THR A 242 -3.00 14.05 6.89
C THR A 242 -3.51 12.63 7.08
N VAL A 243 -4.38 12.14 6.16
CA VAL A 243 -4.89 10.78 6.35
C VAL A 243 -4.51 10.02 5.10
N PHE A 244 -3.63 9.01 5.26
CA PHE A 244 -3.21 8.29 3.99
C PHE A 244 -4.33 7.41 3.43
N ILE A 245 -4.47 7.40 2.12
CA ILE A 245 -5.57 6.65 1.49
C ILE A 245 -5.40 5.13 1.42
N ASP A 246 -4.15 4.71 1.25
CA ASP A 246 -3.88 3.26 1.22
C ASP A 246 -3.63 2.71 2.59
N PRO A 247 -4.31 1.60 2.94
CA PRO A 247 -4.10 1.08 4.28
C PRO A 247 -2.87 0.20 4.34
N VAL A 248 -2.33 0.08 5.55
CA VAL A 248 -1.33 -0.96 5.80
C VAL A 248 -2.12 -2.22 6.23
N LEU A 249 -1.44 -3.35 6.35
CA LEU A 249 -2.21 -4.63 6.49
C LEU A 249 -1.91 -5.25 7.84
N ILE A 250 -2.96 -5.89 8.41
CA ILE A 250 -2.86 -6.59 9.67
C ILE A 250 -3.74 -7.86 9.51
N THR A 251 -3.66 -8.74 10.51
CA THR A 251 -4.50 -9.95 10.52
C THR A 251 -5.63 -9.83 11.59
N ARG A 252 -6.61 -10.72 11.50
CA ARG A 252 -7.65 -10.74 12.53
C ARG A 252 -7.05 -11.03 13.88
N GLU A 253 -6.05 -11.90 13.94
CA GLU A 253 -5.41 -12.11 15.20
C GLU A 253 -4.85 -10.86 15.87
N GLN A 254 -4.18 -10.02 15.06
CA GLN A 254 -3.61 -8.80 15.59
C GLN A 254 -4.74 -7.81 16.03
N ILE A 255 -5.82 -7.66 15.26
CA ILE A 255 -6.89 -6.73 15.70
C ILE A 255 -7.50 -7.23 17.01
N ASN A 256 -7.58 -8.56 17.18
CA ASN A 256 -8.17 -9.01 18.43
C ASN A 256 -7.27 -8.78 19.59
N LEU A 257 -5.98 -8.62 19.37
CA LEU A 257 -5.16 -8.21 20.47
C LEU A 257 -5.66 -6.90 21.13
N PHE A 258 -5.92 -5.87 20.32
CA PHE A 258 -6.35 -4.61 20.86
C PHE A 258 -7.64 -4.82 21.64
N ARG A 259 -8.48 -5.71 21.14
CA ARG A 259 -9.76 -5.97 21.76
C ARG A 259 -9.64 -6.64 23.13
N ASN A 260 -8.46 -7.16 23.45
CA ASN A 260 -8.30 -7.73 24.82
C ASN A 260 -8.09 -6.68 25.89
N LEU A 261 -7.71 -5.47 25.51
CA LEU A 261 -7.55 -4.41 26.50
C LEU A 261 -8.82 -4.04 27.20
N PRO A 262 -8.70 -3.92 28.58
CA PRO A 262 -9.88 -3.36 29.25
C PRO A 262 -10.06 -1.84 29.14
N TYR A 263 -11.29 -1.40 29.05
CA TYR A 263 -11.64 0.00 29.10
C TYR A 263 -11.44 0.54 30.51
N GLY A 264 -11.24 1.85 30.61
CA GLY A 264 -11.19 2.53 31.90
C GLY A 264 -12.55 2.47 32.60
N SER A 265 -12.60 2.80 33.88
CA SER A 265 -13.88 2.66 34.62
C SER A 265 -14.93 3.73 34.36
N ASN A 266 -14.59 4.76 33.56
CA ASN A 266 -15.60 5.70 33.01
C ASN A 266 -16.55 5.09 32.00
N GLU A 267 -16.14 3.96 31.40
CA GLU A 267 -16.83 3.38 30.25
C GLU A 267 -17.92 2.39 30.70
N LYS A 268 -19.03 2.32 29.98
CA LYS A 268 -20.06 1.26 30.22
C LYS A 268 -19.55 -0.11 29.72
N GLN A 269 -18.84 -0.18 28.59
CA GLN A 269 -18.40 -1.48 28.01
C GLN A 269 -17.13 -1.93 28.73
N THR A 270 -16.93 -3.24 28.97
CA THR A 270 -15.77 -3.70 29.71
C THR A 270 -14.49 -3.74 28.85
N ARG A 271 -14.63 -4.34 27.68
CA ARG A 271 -13.52 -4.55 26.74
C ARG A 271 -13.37 -3.29 25.91
N MET A 272 -12.13 -2.89 25.64
CA MET A 272 -11.94 -1.66 24.80
C MET A 272 -12.24 -1.95 23.30
N GLY A 273 -13.10 -1.14 22.75
CA GLY A 273 -13.50 -1.23 21.35
C GLY A 273 -14.54 -0.17 21.13
N ASP A 274 -14.75 0.17 19.86
CA ASP A 274 -15.60 1.25 19.44
C ASP A 274 -15.15 2.54 20.07
N ASN A 275 -13.87 2.66 20.28
CA ASN A 275 -13.32 3.89 20.77
C ASN A 275 -13.02 4.89 19.67
N PHE A 276 -14.06 5.26 18.99
CA PHE A 276 -13.96 6.22 17.83
C PHE A 276 -15.04 7.28 18.00
N ARG A 277 -14.74 8.50 17.56
CA ARG A 277 -15.74 9.59 17.61
C ARG A 277 -16.57 9.52 16.34
N PRO A 278 -17.87 9.87 16.43
CA PRO A 278 -18.64 9.89 15.21
C PRO A 278 -18.17 10.94 14.22
N ILE A 279 -18.62 10.77 12.97
CA ILE A 279 -18.26 11.68 11.89
C ILE A 279 -18.81 13.06 12.09
N GLN A 280 -17.97 14.07 11.80
CA GLN A 280 -18.34 15.49 11.81
C GLN A 280 -18.43 16.00 10.39
N LEU A 281 -19.23 17.05 10.18
CA LEU A 281 -19.31 17.60 8.87
C LEU A 281 -18.07 18.46 8.58
N LEU A 282 -17.67 18.47 7.32
CA LEU A 282 -16.59 19.40 6.90
C LEU A 282 -17.01 20.85 7.21
N ASN A 283 -18.28 21.17 6.89
CA ASN A 283 -18.75 22.54 7.15
C ASN A 283 -20.15 22.53 7.74
N PRO A 284 -20.22 22.41 9.06
CA PRO A 284 -21.53 22.57 9.76
C PRO A 284 -22.18 23.90 9.31
N ILE A 285 -23.46 23.95 9.49
CA ILE A 285 -24.25 25.01 8.99
C ILE A 285 -23.86 26.38 9.57
N ASP A 286 -23.38 26.37 10.78
CA ASP A 286 -23.01 27.56 11.51
C ASP A 286 -21.61 28.08 11.17
N THR A 287 -20.92 27.46 10.23
CA THR A 287 -19.50 27.89 10.01
C THR A 287 -19.37 29.36 9.59
N LEU A 288 -18.31 30.01 10.07
CA LEU A 288 -18.06 31.38 9.62
C LEU A 288 -16.99 31.49 8.54
N ALA A 289 -16.30 30.40 8.19
CA ALA A 289 -15.40 30.44 7.03
C ALA A 289 -15.19 28.95 6.66
N SER A 290 -15.68 28.60 5.49
CA SER A 290 -15.72 27.18 5.06
C SER A 290 -14.32 26.63 4.96
N ARG A 291 -14.13 25.36 5.33
CA ARG A 291 -12.82 24.79 5.06
C ARG A 291 -12.96 23.89 3.84
N THR A 292 -11.79 23.55 3.25
CA THR A 292 -11.76 22.73 2.07
C THR A 292 -10.99 21.44 2.42
N LEU A 293 -11.45 20.33 1.86
CA LEU A 293 -10.70 19.04 1.94
C LEU A 293 -9.80 18.90 0.71
N TYR A 294 -8.50 18.77 0.96
CA TYR A 294 -7.50 18.63 -0.14
C TYR A 294 -7.06 17.16 -0.24
N ARG A 295 -6.51 16.81 -1.39
CA ARG A 295 -5.99 15.45 -1.65
C ARG A 295 -4.63 15.65 -2.29
N ALA A 296 -3.72 14.68 -2.08
CA ALA A 296 -2.38 14.76 -2.66
C ALA A 296 -2.17 13.43 -3.44
N THR A 297 -1.32 13.50 -4.45
CA THR A 297 -0.90 12.25 -5.15
C THR A 297 0.54 12.41 -5.66
N ALA A 298 1.23 11.29 -6.01
CA ALA A 298 2.66 11.41 -6.39
C ALA A 298 2.70 12.15 -7.69
N ARG A 299 3.78 12.94 -7.84
CA ARG A 299 4.17 13.60 -9.09
C ARG A 299 4.23 12.57 -10.22
N GLY A 300 3.31 12.71 -11.19
CA GLY A 300 3.25 11.84 -12.35
C GLY A 300 3.76 12.62 -13.55
N GLU B 24 4.42 -25.09 -28.23
CA GLU B 24 5.19 -26.25 -27.71
C GLU B 24 5.58 -26.10 -26.22
N TRP B 25 4.97 -25.15 -25.50
CA TRP B 25 5.14 -25.08 -24.05
C TRP B 25 3.81 -24.92 -23.33
N SER B 26 3.81 -25.30 -22.08
CA SER B 26 2.63 -25.18 -21.25
C SER B 26 3.03 -25.06 -19.78
N TYR B 27 2.04 -24.87 -18.92
CA TYR B 27 2.24 -24.94 -17.51
C TYR B 27 1.84 -26.27 -16.90
N THR B 28 0.84 -26.93 -17.46
CA THR B 28 0.17 -28.04 -16.76
C THR B 28 0.26 -29.46 -17.31
N ASN B 29 0.78 -29.54 -18.49
CA ASN B 29 1.04 -30.77 -19.31
C ASN B 29 2.45 -31.20 -19.09
N ILE B 30 2.55 -32.24 -18.43
CA ILE B 30 3.89 -32.71 -18.04
C ILE B 30 4.86 -32.90 -19.22
N LEU B 31 4.36 -32.99 -20.45
CA LEU B 31 5.23 -33.14 -21.63
C LEU B 31 5.91 -31.85 -22.05
N THR B 32 5.25 -30.72 -21.77
CA THR B 32 5.75 -29.46 -22.27
C THR B 32 5.85 -28.39 -21.13
N GLY B 33 5.67 -28.86 -19.89
CA GLY B 33 5.58 -28.03 -18.66
C GLY B 33 6.91 -27.39 -18.29
N PRO B 34 6.90 -26.57 -17.25
CA PRO B 34 8.10 -25.76 -16.88
C PRO B 34 9.37 -26.57 -16.59
N GLU B 35 9.22 -27.80 -16.06
CA GLU B 35 10.45 -28.64 -15.79
C GLU B 35 11.14 -29.06 -17.09
N THR B 36 10.44 -28.93 -18.20
CA THR B 36 11.01 -29.30 -19.46
C THR B 36 11.64 -28.16 -20.19
N TRP B 37 11.43 -26.91 -19.77
CA TRP B 37 11.83 -25.79 -20.64
C TRP B 37 13.36 -25.67 -20.82
N HIS B 38 14.10 -26.07 -19.80
CA HIS B 38 15.61 -26.00 -19.82
C HIS B 38 16.12 -26.88 -20.98
N GLU B 39 15.39 -27.97 -21.24
CA GLU B 39 15.66 -28.87 -22.36
C GLU B 39 15.09 -28.39 -23.67
N HIS B 40 13.80 -28.01 -23.70
CA HIS B 40 13.20 -27.60 -24.94
C HIS B 40 13.67 -26.27 -25.46
N TYR B 41 14.05 -25.34 -24.56
CA TYR B 41 14.50 -24.02 -24.99
C TYR B 41 15.84 -23.71 -24.27
N LYS B 42 16.89 -24.47 -24.61
CA LYS B 42 18.17 -24.29 -23.87
C LYS B 42 18.53 -22.82 -23.89
N ASN B 43 18.27 -22.22 -25.02
CA ASN B 43 18.58 -20.87 -25.26
C ASN B 43 17.24 -20.07 -25.00
N MET B 44 17.04 -19.36 -23.87
CA MET B 44 17.91 -19.25 -22.70
C MET B 44 17.37 -19.87 -21.37
N CYS B 45 16.35 -20.74 -21.43
CA CYS B 45 15.78 -21.28 -20.21
C CYS B 45 16.73 -22.16 -19.38
N SER B 46 17.89 -22.50 -19.97
CA SER B 46 18.92 -23.26 -19.25
C SER B 46 19.91 -22.31 -18.57
N GLY B 47 19.70 -20.99 -18.59
CA GLY B 47 20.77 -20.08 -18.15
C GLY B 47 20.82 -19.95 -16.60
N TYR B 48 21.68 -19.03 -16.13
CA TYR B 48 21.84 -18.85 -14.72
C TYR B 48 21.52 -17.40 -14.28
N TYR B 49 20.81 -16.67 -15.15
CA TYR B 49 20.27 -15.35 -14.76
C TYR B 49 18.71 -15.43 -14.94
N GLN B 50 18.08 -16.48 -14.39
CA GLN B 50 16.67 -16.73 -14.69
C GLN B 50 15.73 -16.10 -13.62
N SER B 51 14.48 -15.97 -14.03
CA SER B 51 13.42 -15.44 -13.14
C SER B 51 12.28 -16.44 -13.20
N PRO B 52 11.39 -16.46 -12.21
CA PRO B 52 11.43 -15.64 -11.01
C PRO B 52 12.38 -16.17 -9.97
N ILE B 53 12.59 -15.42 -8.90
CA ILE B 53 13.50 -15.81 -7.79
C ILE B 53 12.74 -15.52 -6.50
N ASP B 54 13.25 -16.11 -5.43
CA ASP B 54 12.77 -15.74 -4.09
C ASP B 54 13.40 -14.40 -3.70
N LEU B 55 12.56 -13.39 -3.47
CA LEU B 55 13.08 -12.09 -3.08
C LEU B 55 13.32 -12.04 -1.60
N LYS B 56 14.57 -12.16 -1.19
CA LYS B 56 14.91 -12.35 0.20
C LYS B 56 15.39 -11.04 0.79
N THR B 57 14.64 -10.55 1.74
CA THR B 57 14.86 -9.24 2.25
C THR B 57 16.18 -9.09 2.94
N ASP B 58 16.55 -10.09 3.73
CA ASP B 58 17.81 -10.06 4.49
C ASP B 58 19.03 -10.25 3.60
N ILE B 59 18.97 -11.09 2.58
CA ILE B 59 20.19 -11.22 1.77
C ILE B 59 20.43 -9.98 0.84
N SER B 60 19.38 -9.32 0.40
CA SER B 60 19.47 -8.24 -0.54
C SER B 60 20.27 -7.00 -0.09
N THR B 61 20.74 -6.24 -1.05
CA THR B 61 21.48 -5.03 -0.78
C THR B 61 20.62 -3.80 -1.02
N LEU B 62 20.48 -2.99 0.04
CA LEU B 62 19.77 -1.72 -0.11
C LEU B 62 20.55 -0.75 -0.97
N ASP B 63 19.95 -0.20 -2.01
CA ASP B 63 20.66 0.79 -2.81
C ASP B 63 19.83 2.08 -2.81
N LEU B 64 20.35 3.09 -2.12
CA LEU B 64 19.58 4.32 -1.92
C LEU B 64 19.49 5.18 -3.17
N LYS B 65 20.31 4.90 -4.19
CA LYS B 65 20.23 5.60 -5.46
C LYS B 65 19.03 5.21 -6.33
N LEU B 66 18.36 4.08 -6.00
CA LEU B 66 17.31 3.62 -6.86
C LEU B 66 16.02 4.46 -6.50
N LYS B 67 15.48 5.15 -7.51
CA LYS B 67 14.48 6.18 -7.26
C LYS B 67 13.05 5.68 -7.39
N THR B 68 12.10 6.54 -7.01
CA THR B 68 10.71 6.12 -7.09
C THR B 68 10.34 5.87 -8.52
N VAL B 69 9.50 4.85 -8.75
CA VAL B 69 9.05 4.55 -10.11
C VAL B 69 7.85 5.43 -10.46
N ILE B 70 7.84 5.96 -11.68
CA ILE B 70 6.68 6.69 -12.17
C ILE B 70 6.14 6.05 -13.39
N ILE B 71 4.81 5.93 -13.45
CA ILE B 71 4.21 5.51 -14.69
C ILE B 71 3.34 6.65 -15.27
N TYR B 72 3.48 6.94 -16.55
CA TYR B 72 2.80 8.16 -17.12
C TYR B 72 2.36 7.93 -18.53
N ARG B 73 1.35 8.72 -18.99
CA ARG B 73 0.68 8.48 -20.28
C ARG B 73 0.93 9.65 -21.24
N ASN B 74 0.99 9.34 -22.50
CA ASN B 74 1.06 10.36 -23.51
C ASN B 74 -0.44 10.70 -23.71
N THR B 75 -0.78 11.92 -23.32
CA THR B 75 -2.17 12.41 -23.30
CA THR B 75 -2.17 12.40 -23.31
C THR B 75 -2.79 12.61 -24.69
N SER B 76 -1.98 12.81 -25.73
CA SER B 76 -2.60 12.96 -27.04
C SER B 76 -2.67 11.62 -27.79
N SER B 77 -2.38 10.52 -27.10
CA SER B 77 -2.63 9.21 -27.67
C SER B 77 -4.10 8.83 -27.61
N THR B 78 -4.67 8.29 -28.62
CA THR B 78 -6.07 7.89 -28.75
C THR B 78 -6.33 6.47 -29.14
N GLU B 79 -5.40 5.85 -29.71
CA GLU B 79 -5.65 4.45 -30.02
C GLU B 79 -6.21 3.57 -28.86
N THR B 80 -6.92 2.52 -29.23
CA THR B 80 -7.61 1.70 -28.26
C THR B 80 -6.71 0.64 -27.55
N THR B 81 -7.04 0.30 -26.31
CA THR B 81 -6.38 -0.90 -25.72
C THR B 81 -7.22 -2.17 -25.87
N THR B 82 -6.55 -3.32 -25.93
CA THR B 82 -7.22 -4.61 -26.01
CA THR B 82 -7.18 -4.62 -26.06
C THR B 82 -6.74 -5.55 -24.93
N ILE B 83 -7.46 -6.63 -24.74
CA ILE B 83 -7.07 -7.72 -23.86
C ILE B 83 -7.31 -9.04 -24.66
N GLN B 84 -6.39 -9.98 -24.51
CA GLN B 84 -6.48 -11.27 -25.19
C GLN B 84 -6.30 -12.43 -24.20
N ASN B 85 -7.04 -13.52 -24.41
CA ASN B 85 -6.72 -14.77 -23.76
C ASN B 85 -5.73 -15.44 -24.74
N ASN B 86 -4.43 -15.42 -24.46
CA ASN B 86 -3.45 -16.01 -25.40
C ASN B 86 -3.20 -17.49 -25.13
N GLY B 87 -4.02 -18.12 -24.29
CA GLY B 87 -3.88 -19.53 -23.99
C GLY B 87 -3.10 -19.83 -22.73
N HIS B 88 -2.30 -18.86 -22.27
CA HIS B 88 -1.52 -19.09 -21.03
C HIS B 88 -1.68 -17.90 -20.06
N SER B 89 -2.26 -16.79 -20.50
CA SER B 89 -2.55 -15.71 -19.53
C SER B 89 -3.63 -14.82 -20.10
N ALA B 90 -4.07 -13.85 -19.30
CA ALA B 90 -4.85 -12.77 -19.85
C ALA B 90 -3.87 -11.61 -20.03
N GLU B 91 -3.78 -11.12 -21.25
CA GLU B 91 -2.76 -10.12 -21.62
C GLU B 91 -3.39 -8.85 -22.18
N VAL B 92 -3.26 -7.75 -21.44
CA VAL B 92 -3.64 -6.46 -21.97
C VAL B 92 -2.57 -5.96 -22.91
N LYS B 93 -2.99 -5.55 -24.10
CA LYS B 93 -2.05 -5.00 -25.11
C LYS B 93 -2.30 -3.53 -25.27
N PHE B 94 -1.27 -2.73 -24.93
CA PHE B 94 -1.37 -1.30 -25.02
C PHE B 94 -0.95 -0.81 -26.38
N PRO B 95 -1.56 0.28 -26.83
CA PRO B 95 -1.09 0.72 -28.12
C PRO B 95 0.29 1.34 -27.94
N ARG B 96 1.03 1.46 -29.02
CA ARG B 96 2.36 2.04 -29.02
C ARG B 96 2.33 3.48 -28.64
N ASN B 97 3.44 3.97 -28.13
CA ASN B 97 3.60 5.39 -27.79
C ASN B 97 2.59 5.95 -26.83
N THR B 98 2.12 5.14 -25.88
CA THR B 98 1.10 5.67 -24.98
C THR B 98 1.36 5.61 -23.48
N TRP B 99 1.87 4.47 -22.98
CA TRP B 99 2.17 4.36 -21.55
C TRP B 99 3.71 4.20 -21.38
N PHE B 100 4.24 4.86 -20.38
CA PHE B 100 5.73 4.90 -20.10
C PHE B 100 6.10 4.68 -18.65
N ILE B 101 7.36 4.24 -18.44
CA ILE B 101 7.86 4.19 -17.11
C ILE B 101 9.08 5.07 -17.00
N SER B 102 9.21 5.76 -15.88
CA SER B 102 10.41 6.50 -15.62
C SER B 102 11.00 6.03 -14.33
N PHE B 103 12.30 5.66 -14.38
CA PHE B 103 13.01 5.27 -13.18
C PHE B 103 13.89 6.41 -12.64
N ASP B 104 13.92 7.55 -13.35
CA ASP B 104 14.91 8.56 -12.97
C ASP B 104 14.24 9.92 -12.75
N GLY B 105 12.91 9.96 -12.72
CA GLY B 105 12.20 11.25 -12.50
C GLY B 105 12.05 12.10 -13.74
N ILE B 106 12.64 11.68 -14.83
CA ILE B 106 12.48 12.42 -16.04
C ILE B 106 11.43 11.77 -16.93
N LEU B 107 10.52 12.56 -17.44
CA LEU B 107 9.46 12.06 -18.27
C LEU B 107 9.79 12.09 -19.76
N ASP B 108 10.84 11.38 -20.15
CA ASP B 108 11.40 11.50 -21.51
C ASP B 108 11.37 10.18 -22.25
N TYR B 109 10.41 9.29 -21.93
CA TYR B 109 10.02 8.15 -22.78
C TYR B 109 11.17 7.13 -22.87
N LYS B 110 11.92 6.96 -21.79
CA LYS B 110 13.02 5.94 -21.84
C LYS B 110 12.53 4.49 -21.90
N TYR B 111 11.42 4.21 -21.20
CA TYR B 111 10.84 2.87 -21.21
C TYR B 111 9.41 3.05 -21.66
N GLU B 112 9.02 2.23 -22.62
CA GLU B 112 7.64 2.30 -23.19
C GLU B 112 6.95 1.01 -22.90
N ILE B 113 5.77 1.11 -22.28
CA ILE B 113 4.99 -0.08 -21.92
C ILE B 113 4.33 -0.73 -23.14
N ILE B 114 4.43 -2.06 -23.21
CA ILE B 114 3.88 -2.83 -24.30
C ILE B 114 2.61 -3.57 -23.85
N GLN B 115 2.66 -4.22 -22.70
CA GLN B 115 1.54 -5.09 -22.35
C GLN B 115 1.57 -5.30 -20.87
N MET B 116 0.46 -5.82 -20.33
CA MET B 116 0.44 -6.23 -18.96
C MET B 116 -0.28 -7.55 -18.92
N HIS B 117 0.31 -8.54 -18.24
CA HIS B 117 -0.40 -9.84 -18.12
C HIS B 117 -0.25 -10.36 -16.68
N PHE B 118 -0.88 -11.51 -16.38
CA PHE B 118 -1.04 -11.93 -15.02
C PHE B 118 -0.75 -13.38 -14.79
N HIS B 119 -0.39 -13.70 -13.54
CA HIS B 119 -0.12 -15.04 -13.11
C HIS B 119 -0.94 -15.26 -11.86
N TRP B 120 -1.67 -16.37 -11.79
CA TRP B 120 -2.43 -16.69 -10.59
C TRP B 120 -2.54 -18.19 -10.34
N GLY B 121 -3.17 -18.52 -9.21
CA GLY B 121 -3.23 -19.84 -8.68
C GLY B 121 -4.64 -20.43 -8.90
N ASN B 122 -4.70 -21.75 -8.88
CA ASN B 122 -6.01 -22.43 -8.74
C ASN B 122 -6.68 -22.09 -7.41
N THR B 123 -5.89 -21.84 -6.37
CA THR B 123 -6.37 -21.50 -5.04
C THR B 123 -5.65 -20.21 -4.58
N ASP B 124 -6.12 -19.64 -3.47
CA ASP B 124 -5.72 -18.29 -3.07
C ASP B 124 -4.34 -18.27 -2.42
N ASP B 125 -3.81 -19.42 -2.05
CA ASP B 125 -2.52 -19.45 -1.34
C ASP B 125 -1.33 -19.53 -2.34
N ARG B 126 -1.60 -19.49 -3.62
CA ARG B 126 -0.46 -19.45 -4.58
C ARG B 126 -0.86 -18.70 -5.86
N GLY B 127 0.09 -18.42 -6.77
CA GLY B 127 -0.27 -17.76 -7.97
C GLY B 127 0.87 -16.89 -8.49
N SER B 128 1.61 -16.29 -7.60
CA SER B 128 2.61 -15.30 -8.05
C SER B 128 3.84 -16.12 -8.53
N GLU B 129 4.71 -15.44 -9.28
CA GLU B 129 5.93 -16.12 -9.80
C GLU B 129 7.03 -15.84 -8.82
N HIS B 130 7.28 -14.54 -8.53
CA HIS B 130 8.15 -14.22 -7.41
C HIS B 130 7.48 -14.55 -6.07
N THR B 131 8.30 -14.86 -5.10
CA THR B 131 7.94 -14.94 -3.71
C THR B 131 8.69 -13.88 -2.97
N ILE B 132 8.13 -13.44 -1.84
CA ILE B 132 8.87 -12.50 -1.02
C ILE B 132 9.07 -13.17 0.31
N ASP B 133 10.34 -13.44 0.60
CA ASP B 133 10.76 -14.26 1.78
C ASP B 133 9.94 -15.56 1.86
N GLY B 134 9.84 -16.25 0.72
CA GLY B 134 9.14 -17.52 0.65
C GLY B 134 7.62 -17.45 0.46
N PHE B 135 7.05 -16.26 0.53
CA PHE B 135 5.57 -16.11 0.52
C PHE B 135 5.03 -15.92 -0.88
N ARG B 136 4.06 -16.76 -1.26
CA ARG B 136 3.39 -16.66 -2.56
C ARG B 136 2.14 -15.79 -2.43
N PHE B 137 1.94 -14.87 -3.39
CA PHE B 137 0.68 -14.08 -3.45
C PHE B 137 -0.31 -14.72 -4.37
N PRO B 138 -1.60 -14.33 -4.32
CA PRO B 138 -2.55 -15.01 -5.20
C PRO B 138 -2.50 -14.56 -6.64
N LEU B 139 -1.88 -13.40 -6.92
CA LEU B 139 -1.86 -12.90 -8.24
C LEU B 139 -0.64 -11.98 -8.41
N GLU B 140 0.08 -12.12 -9.51
CA GLU B 140 1.19 -11.18 -9.80
C GLU B 140 0.94 -10.62 -11.18
N GLY B 141 0.94 -9.28 -11.33
CA GLY B 141 0.83 -8.75 -12.67
C GLY B 141 2.22 -8.32 -13.13
N HIS B 142 2.45 -8.41 -14.44
CA HIS B 142 3.72 -7.98 -15.05
C HIS B 142 3.41 -6.95 -16.05
N ILE B 143 3.99 -5.77 -15.87
CA ILE B 143 3.82 -4.68 -16.83
C ILE B 143 5.16 -4.70 -17.60
N VAL B 144 5.09 -5.04 -18.90
CA VAL B 144 6.26 -5.27 -19.72
C VAL B 144 6.57 -4.05 -20.55
N SER B 145 7.81 -3.55 -20.47
CA SER B 145 8.18 -2.37 -21.27
C SER B 145 9.49 -2.63 -22.04
N PHE B 146 9.76 -1.83 -23.08
CA PHE B 146 11.04 -1.97 -23.75
C PHE B 146 11.81 -0.67 -23.51
N ARG B 147 13.12 -0.79 -23.60
CA ARG B 147 14.01 0.31 -23.35
C ARG B 147 14.09 1.11 -24.65
N ARG B 148 13.10 2.00 -24.81
CA ARG B 148 12.97 2.88 -25.98
C ARG B 148 14.12 3.83 -26.05
N GLN B 149 14.76 4.13 -24.92
CA GLN B 149 16.00 4.88 -24.91
C GLN B 149 17.02 4.32 -25.90
N MET B 150 17.03 3.00 -26.04
CA MET B 150 17.97 2.37 -26.92
C MET B 150 17.39 1.69 -28.16
N TYR B 151 16.19 1.15 -28.09
CA TYR B 151 15.67 0.35 -29.18
C TYR B 151 14.43 1.06 -29.70
N SER B 152 14.23 1.10 -31.01
CA SER B 152 13.07 1.88 -31.47
C SER B 152 11.74 1.11 -31.46
N SER B 153 11.72 -0.21 -31.37
CA SER B 153 10.43 -0.91 -31.26
C SER B 153 10.46 -2.09 -30.31
N PRO B 154 9.30 -2.60 -29.90
CA PRO B 154 9.27 -3.78 -29.07
C PRO B 154 9.96 -4.95 -29.78
N SER B 155 9.70 -5.11 -31.08
CA SER B 155 10.26 -6.30 -31.79
C SER B 155 11.80 -6.25 -31.83
N GLU B 156 12.39 -5.06 -31.93
CA GLU B 156 13.83 -4.88 -31.93
C GLU B 156 14.34 -5.13 -30.49
N ALA B 157 13.60 -4.73 -29.46
CA ALA B 157 14.10 -4.88 -28.06
C ALA B 157 13.96 -6.27 -27.47
N ILE B 158 12.88 -6.98 -27.83
CA ILE B 158 12.46 -8.18 -27.13
C ILE B 158 13.59 -9.26 -27.09
N GLY B 159 14.36 -9.33 -28.18
CA GLY B 159 15.43 -10.32 -28.27
C GLY B 159 16.83 -9.78 -28.01
N ARG B 160 16.98 -8.52 -27.58
CA ARG B 160 18.31 -7.92 -27.62
C ARG B 160 18.83 -7.60 -26.22
N PRO B 161 20.16 -7.47 -26.04
CA PRO B 161 20.63 -7.26 -24.65
C PRO B 161 20.04 -6.04 -23.98
N GLY B 162 19.64 -6.23 -22.73
CA GLY B 162 19.17 -5.10 -21.97
C GLY B 162 17.88 -4.47 -22.52
N GLY B 163 17.11 -5.23 -23.33
CA GLY B 163 15.99 -4.63 -24.07
C GLY B 163 14.72 -4.35 -23.28
N LEU B 164 14.52 -5.06 -22.15
CA LEU B 164 13.21 -5.07 -21.49
C LEU B 164 13.31 -4.64 -20.03
N ALA B 165 12.24 -4.06 -19.51
CA ALA B 165 12.17 -3.81 -18.05
C ALA B 165 10.72 -4.21 -17.66
N VAL B 166 10.59 -5.04 -16.64
CA VAL B 166 9.26 -5.51 -16.23
C VAL B 166 8.98 -5.04 -14.85
N LEU B 167 7.74 -4.55 -14.58
CA LEU B 167 7.33 -4.27 -13.18
C LEU B 167 6.44 -5.42 -12.71
N GLY B 168 6.72 -5.93 -11.53
CA GLY B 168 5.90 -6.99 -10.92
C GLY B 168 5.08 -6.32 -9.82
N ILE B 169 3.75 -6.51 -9.89
CA ILE B 169 2.82 -5.97 -8.87
C ILE B 169 2.12 -7.15 -8.17
N MET B 170 2.42 -7.32 -6.88
CA MET B 170 1.69 -8.32 -6.09
C MET B 170 0.30 -7.82 -5.73
N HIS B 171 -0.64 -8.76 -5.66
CA HIS B 171 -2.02 -8.43 -5.26
C HIS B 171 -2.36 -9.33 -4.06
N GLN B 172 -3.04 -8.79 -3.03
CA GLN B 172 -3.46 -9.63 -1.93
C GLN B 172 -5.00 -9.53 -1.78
N ILE B 173 -5.62 -10.59 -1.30
CA ILE B 173 -7.10 -10.64 -1.18
C ILE B 173 -7.52 -10.07 0.18
N VAL B 174 -8.54 -9.17 0.15
CA VAL B 174 -9.13 -8.65 1.43
C VAL B 174 -10.65 -8.91 1.35
N GLU B 175 -11.27 -9.05 2.51
CA GLU B 175 -12.72 -9.31 2.64
C GLU B 175 -13.48 -7.97 2.61
N SER B 176 -12.87 -6.92 3.13
CA SER B 176 -13.61 -5.65 3.26
C SER B 176 -12.91 -4.51 2.52
N ILE B 177 -13.54 -4.03 1.45
CA ILE B 177 -12.95 -2.93 0.66
C ILE B 177 -13.96 -2.33 -0.31
N LYS B 178 -13.91 -1.02 -0.56
CA LYS B 178 -14.71 -0.45 -1.64
C LYS B 178 -14.08 -0.75 -3.00
N TYR B 179 -14.93 -1.05 -3.99
CA TYR B 179 -14.42 -1.32 -5.31
C TYR B 179 -13.36 -0.31 -5.80
N GLU B 180 -13.60 0.98 -5.50
CA GLU B 180 -12.75 2.03 -5.99
C GLU B 180 -11.33 1.95 -5.47
N GLN B 181 -11.15 1.22 -4.37
CA GLN B 181 -9.83 1.12 -3.74
C GLN B 181 -9.15 -0.21 -4.08
N THR B 182 -9.79 -1.02 -4.92
CA THR B 182 -9.11 -2.25 -5.40
C THR B 182 -8.36 -2.01 -6.70
N ALA B 183 -7.39 -2.90 -6.96
CA ALA B 183 -6.70 -2.83 -8.24
C ALA B 183 -7.66 -2.89 -9.44
N PHE B 184 -8.78 -3.62 -9.32
CA PHE B 184 -9.70 -3.69 -10.44
C PHE B 184 -10.28 -2.37 -10.83
N LYS B 185 -10.35 -1.41 -9.91
CA LYS B 185 -10.77 -0.06 -10.34
C LYS B 185 -9.77 0.52 -11.37
N ALA B 186 -8.46 0.33 -11.11
CA ALA B 186 -7.47 0.79 -12.06
C ALA B 186 -7.57 0.02 -13.37
N TYR B 187 -7.93 -1.27 -13.29
CA TYR B 187 -8.09 -2.08 -14.48
C TYR B 187 -9.47 -1.81 -15.15
N ASN B 188 -10.28 -0.90 -14.60
CA ASN B 188 -11.71 -0.69 -15.06
C ASN B 188 -12.41 -2.02 -15.25
N ASN B 189 -12.14 -2.93 -14.37
CA ASN B 189 -12.77 -4.23 -14.38
C ASN B 189 -12.52 -5.01 -15.66
N PHE B 190 -11.49 -4.64 -16.41
CA PHE B 190 -11.20 -5.29 -17.73
C PHE B 190 -12.49 -5.19 -18.58
N SER B 191 -13.29 -4.17 -18.24
CA SER B 191 -14.51 -3.79 -19.02
C SER B 191 -15.49 -4.95 -19.03
N GLY B 192 -15.39 -5.80 -18.01
CA GLY B 192 -16.32 -6.90 -17.84
C GLY B 192 -16.10 -8.01 -18.82
N VAL B 193 -15.00 -7.93 -19.54
CA VAL B 193 -14.67 -8.89 -20.58
C VAL B 193 -14.36 -10.34 -20.15
N LEU B 194 -13.84 -10.54 -18.93
CA LEU B 194 -13.46 -11.86 -18.42
C LEU B 194 -14.66 -12.79 -18.06
N ASN B 195 -14.83 -13.87 -18.83
CA ASN B 195 -15.84 -14.92 -18.49
C ASN B 195 -15.42 -16.21 -19.18
N SER B 196 -16.13 -17.32 -18.90
CA SER B 196 -15.84 -18.65 -19.48
C SER B 196 -15.72 -18.71 -20.99
N GLN B 197 -16.39 -17.81 -21.69
CA GLN B 197 -16.42 -17.82 -23.15
C GLN B 197 -15.35 -16.93 -23.77
N PHE B 198 -14.52 -16.30 -22.93
CA PHE B 198 -13.39 -15.54 -23.48
C PHE B 198 -12.27 -16.56 -23.71
N VAL B 199 -12.38 -17.27 -24.83
CA VAL B 199 -11.53 -18.37 -25.22
C VAL B 199 -10.33 -17.91 -26.02
N PRO B 200 -9.23 -18.63 -25.95
CA PRO B 200 -8.07 -18.26 -26.76
C PRO B 200 -8.38 -18.54 -28.20
N PRO B 201 -7.92 -17.75 -29.26
CA PRO B 201 -7.01 -16.67 -28.88
C PRO B 201 -7.69 -15.32 -28.98
N ASN B 202 -8.92 -15.28 -28.55
CA ASN B 202 -9.76 -14.12 -28.72
C ASN B 202 -9.24 -12.87 -28.06
N ASN B 203 -9.47 -11.75 -28.69
CA ASN B 203 -9.21 -10.47 -28.12
C ASN B 203 -10.44 -9.59 -28.08
N SER B 204 -10.48 -8.70 -27.12
CA SER B 204 -11.56 -7.78 -27.00
C SER B 204 -11.02 -6.36 -26.84
N THR B 205 -11.59 -5.41 -27.55
CA THR B 205 -11.34 -3.98 -26.97
CA THR B 205 -11.19 -4.18 -26.80
C THR B 205 -11.79 -3.63 -25.52
N ILE B 206 -11.02 -2.94 -24.70
CA ILE B 206 -11.40 -2.65 -23.35
C ILE B 206 -11.13 -1.19 -23.04
N ASP B 207 -11.79 -0.66 -22.05
CA ASP B 207 -11.44 0.71 -21.61
C ASP B 207 -9.99 0.69 -21.15
N ASP B 208 -9.31 1.81 -21.33
CA ASP B 208 -7.88 1.85 -20.98
C ASP B 208 -7.68 1.58 -19.49
N ILE B 209 -6.52 1.05 -19.17
CA ILE B 209 -6.14 0.75 -17.79
C ILE B 209 -5.51 2.01 -17.21
N ASN B 210 -5.93 2.44 -16.03
CA ASN B 210 -5.27 3.58 -15.46
C ASN B 210 -4.07 3.09 -14.64
N LEU B 211 -2.91 2.78 -15.24
CA LEU B 211 -1.71 2.38 -14.54
C LEU B 211 -1.21 3.44 -13.55
N ALA B 212 -1.43 4.64 -13.74
CA ALA B 212 -0.98 5.58 -12.70
C ALA B 212 -1.72 5.38 -11.37
N LEU B 213 -3.06 5.18 -11.45
CA LEU B 213 -3.79 4.88 -10.26
C LEU B 213 -3.28 3.54 -9.65
N LEU B 214 -3.06 2.54 -10.49
CA LEU B 214 -2.57 1.22 -10.00
C LEU B 214 -1.35 1.41 -9.17
N LEU B 215 -0.40 2.21 -9.66
CA LEU B 215 0.84 2.43 -8.94
C LEU B 215 0.67 3.19 -7.63
N SER B 216 -0.32 4.08 -7.59
CA SER B 216 -0.61 4.83 -6.41
C SER B 216 -1.22 3.95 -5.28
N LEU B 217 -1.73 2.77 -5.64
CA LEU B 217 -2.29 1.84 -4.66
C LEU B 217 -1.22 1.10 -3.86
N LEU B 218 0.08 1.27 -4.21
CA LEU B 218 1.15 0.67 -3.40
C LEU B 218 2.22 1.79 -3.24
N ASN B 219 3.34 1.46 -2.59
CA ASN B 219 4.45 2.42 -2.44
C ASN B 219 5.45 2.25 -3.59
N PRO B 220 5.55 3.21 -4.49
CA PRO B 220 6.31 3.01 -5.72
C PRO B 220 7.82 3.28 -5.50
N SER B 221 8.22 3.59 -4.28
CA SER B 221 9.66 3.68 -3.91
C SER B 221 10.21 2.41 -3.28
N ARG B 222 9.36 1.46 -2.94
CA ARG B 222 9.77 0.32 -2.18
C ARG B 222 9.72 -0.98 -3.02
N TYR B 223 10.87 -1.48 -3.41
CA TYR B 223 10.82 -2.55 -4.39
C TYR B 223 12.15 -3.34 -4.31
N PHE B 224 12.10 -4.57 -4.85
CA PHE B 224 13.33 -5.31 -5.18
C PHE B 224 13.72 -5.03 -6.63
N ARG B 225 15.03 -5.12 -6.92
CA ARG B 225 15.51 -4.81 -8.26
C ARG B 225 16.63 -5.82 -8.58
N TYR B 226 16.57 -6.45 -9.77
CA TYR B 226 17.70 -7.35 -10.13
C TYR B 226 17.62 -7.57 -11.62
N LEU B 227 18.74 -8.10 -12.17
CA LEU B 227 18.77 -8.46 -13.61
C LEU B 227 18.39 -9.91 -13.78
N GLY B 228 17.39 -10.18 -14.58
CA GLY B 228 16.90 -11.56 -14.77
C GLY B 228 16.33 -11.76 -16.18
N SER B 229 15.27 -12.53 -16.27
CA SER B 229 14.86 -13.09 -17.56
C SER B 229 13.36 -12.99 -17.74
N LEU B 230 12.89 -13.24 -18.97
CA LEU B 230 11.46 -13.54 -19.17
C LEU B 230 11.13 -14.84 -18.44
N THR B 231 9.88 -14.95 -17.97
CA THR B 231 9.55 -16.14 -17.15
C THR B 231 8.72 -17.16 -17.98
N THR B 232 8.65 -16.93 -19.28
CA THR B 232 8.11 -17.90 -20.27
C THR B 232 9.16 -18.08 -21.35
N PRO B 233 9.16 -19.26 -22.01
CA PRO B 233 10.13 -19.55 -23.05
C PRO B 233 10.10 -18.42 -24.08
N PRO B 234 11.24 -17.97 -24.60
CA PRO B 234 12.56 -18.61 -24.41
C PRO B 234 13.37 -18.06 -23.21
N CYS B 235 12.68 -17.42 -22.26
CA CYS B 235 13.35 -17.08 -20.99
C CYS B 235 14.58 -16.19 -21.19
N THR B 236 14.46 -15.26 -22.09
CA THR B 236 15.58 -14.39 -22.45
C THR B 236 16.14 -13.60 -21.28
N GLU B 237 17.47 -13.57 -21.15
CA GLU B 237 18.12 -12.94 -19.98
C GLU B 237 18.39 -11.49 -20.36
N ASN B 238 17.32 -10.71 -20.54
CA ASN B 238 17.50 -9.30 -20.84
C ASN B 238 16.46 -8.42 -20.12
N VAL B 239 16.03 -8.85 -18.93
CA VAL B 239 14.99 -8.14 -18.21
C VAL B 239 15.54 -7.45 -16.96
N LEU B 240 15.33 -6.12 -16.89
CA LEU B 240 15.57 -5.39 -15.66
C LEU B 240 14.26 -5.52 -14.86
N TRP B 241 14.32 -6.28 -13.76
CA TRP B 241 13.14 -6.55 -12.94
C TRP B 241 12.99 -5.54 -11.80
N THR B 242 11.72 -5.19 -11.55
CA THR B 242 11.43 -4.34 -10.37
C THR B 242 10.18 -5.02 -9.81
N VAL B 243 10.20 -5.45 -8.56
CA VAL B 243 9.04 -6.12 -7.96
C VAL B 243 8.71 -5.29 -6.69
N PHE B 244 7.51 -4.68 -6.70
CA PHE B 244 7.17 -3.83 -5.53
C PHE B 244 6.85 -4.70 -4.34
N ILE B 245 7.27 -4.26 -3.18
CA ILE B 245 7.15 -5.08 -2.00
C ILE B 245 5.72 -5.06 -1.44
N ASP B 246 5.09 -3.93 -1.56
CA ASP B 246 3.72 -3.79 -0.97
C ASP B 246 2.72 -4.22 -2.02
N PRO B 247 1.78 -5.11 -1.65
CA PRO B 247 0.75 -5.50 -2.61
C PRO B 247 -0.39 -4.46 -2.74
N VAL B 248 -0.98 -4.44 -3.90
CA VAL B 248 -2.33 -3.77 -4.14
C VAL B 248 -3.39 -4.79 -3.71
N LEU B 249 -4.64 -4.35 -3.59
CA LEU B 249 -5.69 -5.22 -2.91
C LEU B 249 -6.81 -5.54 -3.88
N ILE B 250 -7.31 -6.80 -3.80
CA ILE B 250 -8.41 -7.24 -4.63
C ILE B 250 -9.30 -8.08 -3.75
N THR B 251 -10.47 -8.48 -4.28
CA THR B 251 -11.37 -9.33 -3.52
C THR B 251 -11.35 -10.73 -4.08
N ARG B 252 -11.98 -11.62 -3.32
CA ARG B 252 -12.14 -13.02 -3.81
C ARG B 252 -12.93 -13.09 -5.08
N GLU B 253 -13.99 -12.27 -5.19
CA GLU B 253 -14.72 -12.29 -6.45
C GLU B 253 -13.87 -11.86 -7.61
N GLN B 254 -12.92 -10.94 -7.38
CA GLN B 254 -12.15 -10.45 -8.52
C GLN B 254 -11.13 -11.51 -8.99
N ILE B 255 -10.46 -12.19 -8.05
CA ILE B 255 -9.46 -13.21 -8.41
C ILE B 255 -10.22 -14.33 -9.17
N ASN B 256 -11.44 -14.65 -8.73
CA ASN B 256 -12.26 -15.63 -9.50
C ASN B 256 -12.59 -15.36 -10.91
N LEU B 257 -12.62 -14.10 -11.27
CA LEU B 257 -12.86 -13.72 -12.61
C LEU B 257 -11.77 -14.25 -13.53
N PHE B 258 -10.52 -14.20 -13.09
CA PHE B 258 -9.44 -14.77 -13.88
C PHE B 258 -9.57 -16.28 -14.05
N ARG B 259 -9.94 -16.96 -12.98
CA ARG B 259 -10.14 -18.42 -12.94
C ARG B 259 -11.19 -18.99 -13.89
N ASN B 260 -12.12 -18.18 -14.36
CA ASN B 260 -13.14 -18.66 -15.32
C ASN B 260 -12.56 -18.77 -16.71
N LEU B 261 -11.40 -18.22 -16.93
CA LEU B 261 -10.91 -18.29 -18.28
C LEU B 261 -10.48 -19.72 -18.59
N PRO B 262 -10.64 -20.14 -19.82
CA PRO B 262 -10.14 -21.43 -20.27
C PRO B 262 -8.69 -21.37 -20.70
N TYR B 263 -7.93 -22.38 -20.34
CA TYR B 263 -6.58 -22.63 -20.82
C TYR B 263 -6.58 -23.04 -22.28
N GLY B 264 -5.47 -22.83 -22.96
CA GLY B 264 -5.28 -23.27 -24.38
C GLY B 264 -5.30 -24.79 -24.46
N SER B 265 -5.40 -25.35 -25.67
CA SER B 265 -5.48 -26.82 -25.82
C SER B 265 -4.14 -27.53 -25.53
N ASN B 266 -3.01 -26.81 -25.60
CA ASN B 266 -1.68 -27.34 -25.18
C ASN B 266 -1.62 -27.73 -23.70
N GLU B 267 -2.62 -27.27 -22.92
CA GLU B 267 -2.68 -27.51 -21.48
C GLU B 267 -3.53 -28.70 -21.13
N LYS B 268 -3.13 -29.39 -20.07
CA LYS B 268 -3.92 -30.46 -19.52
C LYS B 268 -5.09 -29.93 -18.69
N GLN B 269 -4.87 -28.89 -17.89
CA GLN B 269 -5.91 -28.37 -16.99
C GLN B 269 -6.89 -27.57 -17.84
N THR B 270 -8.19 -27.67 -17.55
CA THR B 270 -9.15 -26.91 -18.34
C THR B 270 -9.23 -25.42 -17.97
N ARG B 271 -9.40 -25.11 -16.68
CA ARG B 271 -9.55 -23.70 -16.33
C ARG B 271 -8.14 -23.09 -16.12
N MET B 272 -7.93 -21.89 -16.66
CA MET B 272 -6.65 -21.20 -16.50
C MET B 272 -6.34 -20.90 -15.03
N GLY B 273 -5.18 -21.37 -14.59
CA GLY B 273 -4.71 -21.16 -13.24
C GLY B 273 -3.38 -21.93 -13.04
N ASP B 274 -2.62 -21.53 -12.04
CA ASP B 274 -1.25 -22.06 -11.80
C ASP B 274 -0.35 -21.81 -13.03
N ASN B 275 -0.60 -20.68 -13.68
CA ASN B 275 0.17 -20.21 -14.80
C ASN B 275 1.36 -19.41 -14.31
N PHE B 276 2.19 -20.05 -13.49
CA PHE B 276 3.41 -19.44 -12.98
C PHE B 276 4.55 -20.42 -13.16
N ARG B 277 5.76 -19.90 -13.32
CA ARG B 277 6.98 -20.69 -13.41
C ARG B 277 7.50 -20.93 -12.03
N PRO B 278 8.15 -22.12 -11.77
CA PRO B 278 8.78 -22.39 -10.51
C PRO B 278 9.94 -21.41 -10.24
N ILE B 279 10.23 -21.26 -8.97
CA ILE B 279 11.33 -20.42 -8.48
C ILE B 279 12.69 -20.89 -8.99
N GLN B 280 13.48 -19.92 -9.48
CA GLN B 280 14.85 -20.16 -9.86
C GLN B 280 15.84 -19.65 -8.83
N LEU B 281 17.07 -20.16 -8.79
CA LEU B 281 18.05 -19.62 -7.88
C LEU B 281 18.64 -18.31 -8.35
N LEU B 282 18.94 -17.41 -7.42
CA LEU B 282 19.66 -16.19 -7.82
C LEU B 282 21.01 -16.54 -8.46
N ASN B 283 21.77 -17.46 -7.87
CA ASN B 283 23.09 -17.83 -8.48
C ASN B 283 23.22 -19.38 -8.51
N PRO B 284 22.69 -20.01 -9.55
CA PRO B 284 22.99 -21.45 -9.75
C PRO B 284 24.51 -21.66 -9.71
N ILE B 285 24.89 -22.95 -9.54
CA ILE B 285 26.31 -23.24 -9.27
C ILE B 285 27.20 -23.01 -10.48
N ASP B 286 26.62 -22.96 -11.66
CA ASP B 286 27.38 -22.78 -12.87
C ASP B 286 27.56 -21.32 -13.27
N THR B 287 27.02 -20.39 -12.45
CA THR B 287 27.22 -18.97 -12.85
C THR B 287 28.71 -18.55 -13.02
N LEU B 288 28.99 -17.70 -14.00
CA LEU B 288 30.36 -17.21 -14.20
C LEU B 288 30.48 -15.75 -13.74
N ALA B 289 29.37 -15.17 -13.25
CA ALA B 289 29.50 -13.81 -12.62
C ALA B 289 28.21 -13.67 -11.79
N SER B 290 28.37 -13.71 -10.47
CA SER B 290 27.14 -13.71 -9.61
C SER B 290 26.35 -12.43 -9.75
N ARG B 291 25.02 -12.59 -9.71
CA ARG B 291 24.24 -11.34 -9.62
C ARG B 291 23.84 -11.07 -8.17
N THR B 292 23.47 -9.79 -7.97
CA THR B 292 23.11 -9.34 -6.58
C THR B 292 21.63 -8.86 -6.64
N LEU B 293 20.90 -9.18 -5.56
CA LEU B 293 19.48 -8.75 -5.49
C LEU B 293 19.56 -7.39 -4.68
N TYR B 294 19.00 -6.31 -5.26
CA TYR B 294 19.01 -4.99 -4.63
C TYR B 294 17.60 -4.69 -4.11
N ARG B 295 17.50 -3.72 -3.20
CA ARG B 295 16.16 -3.26 -2.79
C ARG B 295 16.22 -1.74 -2.65
N ALA B 296 15.05 -1.11 -2.76
CA ALA B 296 15.00 0.37 -2.83
C ALA B 296 13.97 0.75 -1.76
N THR B 297 14.13 1.95 -1.21
CA THR B 297 13.08 2.47 -0.31
C THR B 297 13.14 4.01 -0.37
N ALA B 298 12.07 4.68 0.14
CA ALA B 298 11.92 6.14 -0.11
C ALA B 298 13.02 6.84 0.66
N ARG B 299 13.45 8.01 0.10
CA ARG B 299 14.38 8.97 0.75
C ARG B 299 13.83 9.26 2.14
N GLY B 300 14.57 8.82 3.17
CA GLY B 300 14.06 8.60 4.54
C GLY B 300 15.17 8.65 5.58
#